data_8JKS
#
_entry.id   8JKS
#
_cell.length_a   52.610
_cell.length_b   68.010
_cell.length_c   246.600
_cell.angle_alpha   90.00
_cell.angle_beta   90.00
_cell.angle_gamma   90.00
#
_symmetry.space_group_name_H-M   'P 21 21 21'
#
loop_
_entity.id
_entity.type
_entity.pdbx_description
1 polymer GAGA-Forward
2 polymer GAGA-Reverse
3 polymer 'Interferon regulatory factor 4'
#
loop_
_entity_poly.entity_id
_entity_poly.type
_entity_poly.pdbx_seq_one_letter_code
_entity_poly.pdbx_strand_id
1 'polydeoxyribonucleotide' (DC)(DA)(DA)(DC)(DT)(DG)(DA)(DG)(DA)(DC)(DC)(DG)(DA)(DG)(DA)(DA)(DA)(DC)(DC) A,E
2 'polydeoxyribonucleotide' (DG)(DG)(DT)(DT)(DT)(DC)(DT)(DC)(DG)(DG)(DT)(DC)(DT)(DC)(DA)(DG)(DT)(DT)(DG) B,F
3 'polypeptide(L)'
;GNGKLRQWLIDQIDSGKYPGLVWENEEKSIFRIPWKHAGKQDYNREEDAALFKAWALFKGKFREGIDKPDPPTWKRRLRC
ALNKSNDFEELVERSQLDISDPYKVYRIVPEGAKKG
;
C,D,G,H
#
loop_
_chem_comp.id
_chem_comp.type
_chem_comp.name
_chem_comp.formula
DA DNA linking 2'-DEOXYADENOSINE-5'-MONOPHOSPHATE 'C10 H14 N5 O6 P'
DC DNA linking 2'-DEOXYCYTIDINE-5'-MONOPHOSPHATE 'C9 H14 N3 O7 P'
DG DNA linking 2'-DEOXYGUANOSINE-5'-MONOPHOSPHATE 'C10 H14 N5 O7 P'
DT DNA linking THYMIDINE-5'-MONOPHOSPHATE 'C10 H15 N2 O8 P'
#
# COMPACT_ATOMS: atom_id res chain seq x y z
N ASN C 2 10.91 2.28 4.73
CA ASN C 2 10.64 2.17 3.30
C ASN C 2 11.83 1.59 2.54
N GLY C 3 12.94 1.41 3.24
CA GLY C 3 14.12 0.78 2.66
C GLY C 3 14.22 -0.68 3.01
N LYS C 4 13.91 -1.55 2.05
CA LYS C 4 13.82 -2.99 2.32
C LYS C 4 15.16 -3.71 2.28
N LEU C 5 16.25 -3.02 1.89
CA LEU C 5 17.53 -3.71 1.74
C LEU C 5 18.04 -4.23 3.08
N ARG C 6 17.99 -3.39 4.11
CA ARG C 6 18.58 -3.74 5.41
C ARG C 6 17.91 -4.97 6.00
N GLN C 7 16.59 -4.91 6.20
CA GLN C 7 15.88 -6.00 6.85
C GLN C 7 15.94 -7.28 6.00
N TRP C 8 15.87 -7.13 4.68
CA TRP C 8 15.96 -8.31 3.81
C TRP C 8 17.33 -8.98 3.94
N LEU C 9 18.40 -8.19 3.94
CA LEU C 9 19.72 -8.78 4.10
C LEU C 9 19.86 -9.46 5.45
N ILE C 10 19.37 -8.81 6.52
CA ILE C 10 19.48 -9.40 7.85
C ILE C 10 18.69 -10.70 7.94
N ASP C 11 17.53 -10.75 7.29
CA ASP C 11 16.75 -11.98 7.27
C ASP C 11 17.46 -13.07 6.49
N GLN C 12 18.01 -12.74 5.32
CA GLN C 12 18.74 -13.73 4.53
C GLN C 12 19.96 -14.26 5.28
N ILE C 13 20.54 -13.45 6.16
CA ILE C 13 21.68 -13.92 6.93
C ILE C 13 21.23 -14.82 8.08
N ASP C 14 20.25 -14.36 8.86
CA ASP C 14 19.81 -15.14 10.02
C ASP C 14 19.16 -16.46 9.59
N SER C 15 18.57 -16.51 8.40
CA SER C 15 17.99 -17.76 7.93
C SER C 15 19.07 -18.82 7.72
N GLY C 16 20.20 -18.44 7.15
CA GLY C 16 21.29 -19.36 6.95
C GLY C 16 21.16 -20.25 5.74
N LYS C 17 20.14 -20.05 4.90
CA LYS C 17 19.97 -20.88 3.72
C LYS C 17 20.94 -20.54 2.60
N TYR C 18 21.87 -19.62 2.82
CA TYR C 18 22.87 -19.25 1.82
C TYR C 18 24.25 -19.63 2.32
N PRO C 19 24.90 -20.63 1.73
CA PRO C 19 26.23 -21.03 2.20
C PRO C 19 27.24 -19.91 2.04
N GLY C 20 27.83 -19.49 3.16
CA GLY C 20 28.77 -18.40 3.21
C GLY C 20 28.20 -17.11 3.78
N LEU C 21 26.88 -16.92 3.66
CA LEU C 21 26.20 -15.75 4.21
C LEU C 21 26.00 -15.95 5.71
N VAL C 22 27.07 -15.71 6.46
CA VAL C 22 27.08 -15.94 7.90
C VAL C 22 27.56 -14.68 8.60
N TRP C 23 27.25 -14.60 9.90
CA TRP C 23 27.76 -13.53 10.75
C TRP C 23 29.23 -13.81 11.10
N GLU C 24 29.89 -12.78 11.63
CA GLU C 24 31.23 -12.91 12.16
C GLU C 24 31.35 -12.44 13.61
N ASN C 25 30.30 -11.85 14.17
CA ASN C 25 30.30 -11.43 15.57
C ASN C 25 28.90 -11.62 16.14
N GLU C 26 28.80 -11.54 17.47
CA GLU C 26 27.52 -11.73 18.14
C GLU C 26 26.63 -10.49 18.07
N GLU C 27 27.21 -9.31 17.90
CA GLU C 27 26.41 -8.09 17.77
C GLU C 27 25.73 -7.98 16.42
N LYS C 28 26.00 -8.89 15.50
CA LYS C 28 25.37 -8.91 14.17
C LYS C 28 25.63 -7.61 13.42
N SER C 29 26.86 -7.11 13.53
CA SER C 29 27.25 -5.86 12.88
C SER C 29 28.32 -6.07 11.80
N ILE C 30 28.83 -7.29 11.64
CA ILE C 30 29.83 -7.61 10.62
C ILE C 30 29.49 -8.97 10.05
N PHE C 31 29.48 -9.09 8.73
CA PHE C 31 29.12 -10.36 8.11
C PHE C 31 29.93 -10.63 6.85
N ARG C 32 29.93 -11.90 6.47
CA ARG C 32 30.54 -12.43 5.26
C ARG C 32 29.50 -12.57 4.17
N ILE C 33 29.92 -12.34 2.92
CA ILE C 33 29.03 -12.57 1.78
C ILE C 33 29.83 -13.23 0.66
N PRO C 34 29.33 -14.30 0.06
CA PRO C 34 30.10 -14.99 -1.00
C PRO C 34 30.10 -14.16 -2.28
N TRP C 35 31.31 -13.86 -2.78
CA TRP C 35 31.49 -13.03 -3.97
C TRP C 35 32.43 -13.76 -4.93
N LYS C 36 31.85 -14.65 -5.73
CA LYS C 36 32.60 -15.44 -6.70
C LYS C 36 32.40 -14.87 -8.11
N HIS C 37 33.43 -15.03 -8.93
CA HIS C 37 33.37 -14.56 -10.31
C HIS C 37 32.68 -15.59 -11.18
N ALA C 38 31.92 -15.12 -12.17
CA ALA C 38 31.14 -16.02 -13.00
C ALA C 38 31.98 -16.77 -14.03
N GLY C 39 33.16 -16.25 -14.37
CA GLY C 39 33.99 -16.89 -15.37
C GLY C 39 34.69 -18.15 -14.90
N LYS C 40 34.79 -18.35 -13.59
CA LYS C 40 35.47 -19.53 -13.06
C LYS C 40 34.65 -20.79 -13.33
N GLN C 41 35.35 -21.90 -13.51
CA GLN C 41 34.67 -23.18 -13.68
C GLN C 41 34.05 -23.65 -12.38
N ASP C 42 34.62 -23.26 -11.24
CA ASP C 42 34.09 -23.59 -9.93
C ASP C 42 32.88 -22.74 -9.55
N TYR C 43 32.38 -21.91 -10.48
CA TYR C 43 31.23 -21.05 -10.22
C TYR C 43 29.96 -21.83 -10.54
N ASN C 44 29.29 -22.32 -9.51
CA ASN C 44 28.01 -23.01 -9.68
C ASN C 44 26.94 -21.95 -9.90
N ARG C 45 26.38 -21.92 -11.12
CA ARG C 45 25.50 -20.81 -11.50
C ARG C 45 24.28 -20.71 -10.60
N GLU C 46 23.80 -21.83 -10.06
CA GLU C 46 22.58 -21.81 -9.25
C GLU C 46 22.88 -21.38 -7.82
N GLU C 47 23.79 -22.08 -7.15
CA GLU C 47 24.02 -21.84 -5.72
C GLU C 47 24.81 -20.55 -5.49
N ASP C 48 25.78 -20.25 -6.35
CA ASP C 48 26.59 -19.05 -6.16
C ASP C 48 25.88 -17.78 -6.55
N ALA C 49 24.67 -17.86 -7.12
CA ALA C 49 23.93 -16.68 -7.53
C ALA C 49 22.51 -16.68 -6.96
N ALA C 50 22.25 -17.45 -5.91
CA ALA C 50 20.91 -17.54 -5.36
C ALA C 50 20.49 -16.25 -4.67
N LEU C 51 21.44 -15.56 -4.02
CA LEU C 51 21.08 -14.35 -3.27
C LEU C 51 20.77 -13.19 -4.20
N PHE C 52 21.56 -13.03 -5.27
CA PHE C 52 21.26 -11.97 -6.23
C PHE C 52 19.94 -12.24 -6.93
N LYS C 53 19.65 -13.50 -7.27
CA LYS C 53 18.36 -13.84 -7.84
C LYS C 53 17.23 -13.58 -6.84
N ALA C 54 17.48 -13.83 -5.56
CA ALA C 54 16.47 -13.54 -4.54
C ALA C 54 16.22 -12.04 -4.44
N TRP C 55 17.27 -11.23 -4.57
CA TRP C 55 17.10 -9.78 -4.59
C TRP C 55 16.31 -9.34 -5.82
N ALA C 56 16.54 -9.99 -6.96
CA ALA C 56 15.77 -9.67 -8.15
C ALA C 56 14.30 -10.06 -7.98
N LEU C 57 14.04 -11.18 -7.30
CA LEU C 57 12.67 -11.63 -7.09
C LEU C 57 11.94 -10.81 -6.04
N PHE C 58 12.66 -10.29 -5.05
CA PHE C 58 12.03 -9.50 -3.99
C PHE C 58 11.48 -8.19 -4.52
N LYS C 59 12.32 -7.43 -5.23
CA LYS C 59 11.94 -6.15 -5.79
C LYS C 59 11.17 -6.27 -7.10
N GLY C 60 10.69 -7.47 -7.43
CA GLY C 60 9.93 -7.65 -8.65
C GLY C 60 10.71 -7.46 -9.93
N LYS C 61 12.04 -7.55 -9.87
CA LYS C 61 12.86 -7.37 -11.06
C LYS C 61 12.93 -8.63 -11.92
N PHE C 62 12.58 -9.79 -11.37
CA PHE C 62 12.59 -11.04 -12.10
C PHE C 62 11.28 -11.78 -11.87
N ARG C 63 10.77 -12.40 -12.94
CA ARG C 63 9.56 -13.22 -12.89
C ARG C 63 9.87 -14.52 -13.63
N GLU C 64 9.97 -15.62 -12.88
CA GLU C 64 10.34 -16.90 -13.47
C GLU C 64 9.26 -17.37 -14.44
N GLY C 65 9.66 -17.58 -15.69
CA GLY C 65 8.75 -18.00 -16.74
C GLY C 65 8.33 -16.90 -17.69
N ILE C 66 8.70 -15.65 -17.42
CA ILE C 66 8.36 -14.51 -18.26
C ILE C 66 9.61 -13.82 -18.80
N ASP C 67 10.53 -13.45 -17.93
CA ASP C 67 11.75 -12.76 -18.32
C ASP C 67 12.90 -13.75 -18.47
N LYS C 68 13.93 -13.31 -19.19
CA LYS C 68 15.12 -14.13 -19.38
C LYS C 68 16.06 -13.98 -18.19
N PRO C 69 16.61 -15.08 -17.65
CA PRO C 69 17.53 -14.95 -16.51
C PRO C 69 18.77 -14.14 -16.89
N ASP C 70 19.29 -13.41 -15.91
CA ASP C 70 20.46 -12.55 -16.12
C ASP C 70 21.22 -12.44 -14.81
N PRO C 71 22.04 -13.43 -14.48
CA PRO C 71 22.80 -13.40 -13.22
C PRO C 71 23.75 -12.21 -13.13
N PRO C 72 24.47 -11.84 -14.22
CA PRO C 72 25.32 -10.65 -14.11
C PRO C 72 24.58 -9.40 -13.68
N THR C 73 23.39 -9.15 -14.24
CA THR C 73 22.65 -7.95 -13.89
C THR C 73 22.16 -8.02 -12.45
N TRP C 74 21.79 -9.21 -11.97
CA TRP C 74 21.38 -9.35 -10.58
C TRP C 74 22.54 -9.03 -9.65
N LYS C 75 23.72 -9.57 -9.93
CA LYS C 75 24.91 -9.25 -9.14
C LYS C 75 25.21 -7.75 -9.16
N ARG C 76 25.14 -7.14 -10.34
CA ARG C 76 25.38 -5.70 -10.45
C ARG C 76 24.38 -4.91 -9.61
N ARG C 77 23.11 -5.31 -9.65
CA ARG C 77 22.08 -4.61 -8.89
C ARG C 77 22.35 -4.70 -7.40
N LEU C 78 22.64 -5.90 -6.91
CA LEU C 78 22.89 -6.05 -5.48
C LEU C 78 24.13 -5.27 -5.05
N ARG C 79 25.18 -5.28 -5.88
CA ARG C 79 26.39 -4.55 -5.54
C ARG C 79 26.14 -3.05 -5.51
N CYS C 80 25.40 -2.52 -6.49
CA CYS C 80 25.08 -1.10 -6.50
C CYS C 80 24.25 -0.73 -5.28
N ALA C 81 23.28 -1.57 -4.92
CA ALA C 81 22.49 -1.29 -3.72
C ALA C 81 23.35 -1.28 -2.47
N LEU C 82 24.29 -2.21 -2.36
CA LEU C 82 25.15 -2.27 -1.18
C LEU C 82 26.07 -1.05 -1.10
N ASN C 83 26.61 -0.61 -2.24
CA ASN C 83 27.53 0.51 -2.22
C ASN C 83 26.80 1.83 -1.98
N LYS C 84 25.60 1.99 -2.57
CA LYS C 84 24.86 3.23 -2.44
C LYS C 84 24.21 3.38 -1.07
N SER C 85 23.83 2.27 -0.44
CA SER C 85 23.14 2.31 0.84
C SER C 85 24.05 2.85 1.94
N ASN C 86 23.48 3.70 2.80
CA ASN C 86 24.21 4.23 3.95
C ASN C 86 24.28 3.26 5.11
N ASP C 87 23.60 2.10 5.01
CA ASP C 87 23.57 1.15 6.12
C ASP C 87 24.79 0.25 6.11
N PHE C 88 25.10 -0.35 4.96
CA PHE C 88 26.21 -1.29 4.83
C PHE C 88 27.44 -0.58 4.29
N GLU C 89 28.58 -0.81 4.94
CA GLU C 89 29.85 -0.29 4.46
C GLU C 89 30.86 -1.41 4.31
N GLU C 90 31.68 -1.30 3.28
CA GLU C 90 32.62 -2.37 2.92
C GLU C 90 33.92 -2.24 3.69
N LEU C 91 34.40 -3.38 4.21
CA LEU C 91 35.72 -3.47 4.81
C LEU C 91 36.64 -4.13 3.80
N VAL C 92 37.12 -3.31 2.85
CA VAL C 92 37.95 -3.81 1.75
C VAL C 92 39.26 -4.36 2.28
N GLU C 93 39.81 -3.77 3.34
CA GLU C 93 41.05 -4.28 3.92
C GLU C 93 40.88 -5.65 4.55
N ARG C 94 39.64 -6.04 4.87
CA ARG C 94 39.37 -7.34 5.45
C ARG C 94 38.60 -8.26 4.52
N SER C 95 38.31 -7.82 3.29
CA SER C 95 37.42 -8.58 2.41
C SER C 95 37.90 -10.00 2.20
N GLN C 96 39.22 -10.18 2.11
CA GLN C 96 39.84 -11.50 1.92
C GLN C 96 39.28 -12.21 0.68
N LEU C 97 39.23 -11.47 -0.41
CA LEU C 97 39.08 -12.08 -1.72
C LEU C 97 40.36 -12.83 -2.09
N ASP C 98 40.34 -13.50 -3.24
CA ASP C 98 41.48 -14.31 -3.74
C ASP C 98 41.68 -15.59 -2.90
N ILE C 99 40.58 -16.18 -2.44
CA ILE C 99 40.56 -17.51 -1.82
C ILE C 99 39.58 -18.37 -2.63
N SER C 100 39.77 -19.70 -2.58
CA SER C 100 38.90 -20.61 -3.32
C SER C 100 37.43 -20.28 -3.14
N ASP C 101 37.02 -19.90 -1.93
CA ASP C 101 35.69 -19.38 -1.68
C ASP C 101 35.78 -17.90 -1.36
N PRO C 102 35.83 -17.03 -2.38
CA PRO C 102 36.04 -15.60 -2.11
C PRO C 102 34.82 -14.99 -1.46
N TYR C 103 35.06 -13.95 -0.66
CA TYR C 103 33.96 -13.31 0.04
C TYR C 103 34.27 -11.84 0.25
N LYS C 104 33.26 -11.11 0.70
CA LYS C 104 33.34 -9.72 1.08
C LYS C 104 32.84 -9.57 2.50
N VAL C 105 33.52 -8.74 3.29
CA VAL C 105 33.14 -8.48 4.67
C VAL C 105 32.47 -7.12 4.72
N TYR C 106 31.25 -7.07 5.27
CA TYR C 106 30.48 -5.85 5.35
C TYR C 106 30.13 -5.54 6.80
N ARG C 107 29.93 -4.26 7.09
CA ARG C 107 29.61 -3.77 8.42
C ARG C 107 28.31 -2.99 8.39
N ILE C 108 27.49 -3.18 9.43
CA ILE C 108 26.22 -2.47 9.61
C ILE C 108 26.47 -1.19 10.40
N VAL C 109 25.80 -0.12 10.01
CA VAL C 109 25.90 1.17 10.67
C VAL C 109 24.56 1.47 11.33
N PRO C 110 24.53 1.83 12.63
CA PRO C 110 23.32 2.18 13.38
C PRO C 110 22.49 3.26 12.68
N GLY D 3 0.39 26.39 -11.06
CA GLY D 3 1.26 27.54 -11.17
C GLY D 3 1.37 28.08 -12.59
N LYS D 4 2.59 28.13 -13.11
CA LYS D 4 2.85 28.63 -14.45
C LYS D 4 3.29 27.55 -15.42
N LEU D 5 3.32 26.29 -14.99
CA LEU D 5 3.91 25.22 -15.81
C LEU D 5 3.22 25.11 -17.17
N ARG D 6 1.88 25.14 -17.17
CA ARG D 6 1.13 24.94 -18.41
C ARG D 6 1.45 26.01 -19.44
N GLN D 7 1.22 27.27 -19.07
CA GLN D 7 1.45 28.39 -19.99
C GLN D 7 2.92 28.48 -20.36
N TRP D 8 3.81 28.30 -19.38
CA TRP D 8 5.25 28.37 -19.66
C TRP D 8 5.64 27.32 -20.70
N LEU D 9 5.20 26.08 -20.52
CA LEU D 9 5.57 25.03 -21.45
C LEU D 9 4.99 25.27 -22.84
N ILE D 10 3.73 25.70 -22.93
CA ILE D 10 3.19 25.92 -24.27
C ILE D 10 3.90 27.09 -24.94
N ASP D 11 4.29 28.12 -24.18
CA ASP D 11 5.07 29.21 -24.74
C ASP D 11 6.43 28.71 -25.24
N GLN D 12 7.09 27.85 -24.47
CA GLN D 12 8.38 27.33 -24.89
C GLN D 12 8.28 26.46 -26.14
N ILE D 13 7.19 25.70 -26.29
CA ILE D 13 7.03 24.91 -27.50
C ILE D 13 6.71 25.82 -28.70
N ASP D 14 5.87 26.83 -28.49
CA ASP D 14 5.54 27.74 -29.59
C ASP D 14 6.71 28.62 -29.99
N SER D 15 7.67 28.83 -29.10
CA SER D 15 8.82 29.68 -29.44
C SER D 15 9.69 29.03 -30.50
N GLY D 16 9.84 27.70 -30.44
CA GLY D 16 10.67 27.00 -31.41
C GLY D 16 12.16 27.15 -31.19
N LYS D 17 12.59 27.79 -30.12
CA LYS D 17 14.02 27.97 -29.84
C LYS D 17 14.67 26.73 -29.24
N TYR D 18 14.01 25.58 -29.31
CA TYR D 18 14.51 24.34 -28.72
C TYR D 18 14.36 23.21 -29.74
N PRO D 19 15.45 22.72 -30.31
CA PRO D 19 15.34 21.63 -31.29
C PRO D 19 14.74 20.38 -30.67
N GLY D 20 13.71 19.83 -31.32
CA GLY D 20 12.99 18.69 -30.83
C GLY D 20 11.70 19.02 -30.11
N LEU D 21 11.57 20.24 -29.60
CA LEU D 21 10.35 20.69 -28.92
C LEU D 21 9.36 21.14 -29.99
N VAL D 22 8.56 20.20 -30.48
CA VAL D 22 7.60 20.45 -31.53
C VAL D 22 6.26 19.81 -31.16
N TRP D 23 5.25 20.10 -31.98
CA TRP D 23 3.92 19.54 -31.79
C TRP D 23 3.79 18.26 -32.60
N GLU D 24 2.57 17.73 -32.71
CA GLU D 24 2.30 16.57 -33.56
C GLU D 24 1.06 16.72 -34.42
N ASN D 25 0.14 17.62 -34.09
CA ASN D 25 -1.04 17.87 -34.90
C ASN D 25 -1.31 19.37 -34.90
N GLU D 26 -2.49 19.76 -35.40
CA GLU D 26 -2.85 21.16 -35.47
C GLU D 26 -3.54 21.67 -34.21
N GLU D 27 -4.25 20.80 -33.49
CA GLU D 27 -4.85 21.20 -32.22
C GLU D 27 -3.82 21.49 -31.15
N LYS D 28 -2.56 21.11 -31.36
CA LYS D 28 -1.47 21.31 -30.41
C LYS D 28 -1.72 20.65 -29.07
N SER D 29 -2.62 19.65 -29.03
CA SER D 29 -2.88 18.94 -27.79
C SER D 29 -1.84 17.87 -27.50
N ILE D 30 -1.10 17.43 -28.50
CA ILE D 30 -0.06 16.40 -28.35
C ILE D 30 1.25 16.99 -28.87
N PHE D 31 2.31 16.86 -28.07
CA PHE D 31 3.59 17.43 -28.43
C PHE D 31 4.71 16.49 -28.02
N ARG D 32 5.91 16.80 -28.51
CA ARG D 32 7.13 16.06 -28.21
C ARG D 32 8.05 16.90 -27.34
N ILE D 33 9.00 16.22 -26.71
CA ILE D 33 9.99 16.89 -25.86
C ILE D 33 11.29 16.08 -25.89
N PRO D 34 12.43 16.71 -26.15
CA PRO D 34 13.69 15.96 -26.18
C PRO D 34 14.05 15.41 -24.82
N TRP D 35 14.67 14.22 -24.83
CA TRP D 35 15.02 13.55 -23.58
C TRP D 35 16.21 12.63 -23.85
N LYS D 36 17.41 13.17 -23.62
CA LYS D 36 18.65 12.42 -23.79
C LYS D 36 19.27 12.13 -22.43
N HIS D 37 20.00 11.02 -22.35
CA HIS D 37 20.80 10.74 -21.17
C HIS D 37 22.07 11.60 -21.22
N ALA D 38 22.70 11.76 -20.05
CA ALA D 38 23.86 12.64 -19.93
C ALA D 38 25.18 11.94 -20.23
N GLY D 39 25.16 10.82 -20.96
CA GLY D 39 26.37 10.11 -21.29
C GLY D 39 26.33 9.38 -22.62
N LYS D 40 25.37 9.74 -23.47
CA LYS D 40 25.17 9.07 -24.75
C LYS D 40 26.15 9.53 -25.82
N GLN D 41 27.16 10.32 -25.47
CA GLN D 41 28.20 10.82 -26.36
C GLN D 41 27.71 11.93 -27.28
N ASP D 42 26.59 11.72 -27.99
CA ASP D 42 26.05 12.78 -28.83
C ASP D 42 25.39 13.89 -28.02
N TYR D 43 25.72 13.97 -26.73
CA TYR D 43 25.14 14.96 -25.83
C TYR D 43 25.88 16.29 -25.93
N ASN D 44 25.14 17.36 -26.18
CA ASN D 44 25.65 18.72 -26.10
C ASN D 44 25.07 19.36 -24.84
N ARG D 45 25.95 19.72 -23.91
CA ARG D 45 25.50 20.23 -22.61
C ARG D 45 24.60 21.45 -22.76
N GLU D 46 25.05 22.45 -23.52
CA GLU D 46 24.33 23.70 -23.64
C GLU D 46 23.17 23.64 -24.63
N GLU D 47 22.97 22.52 -25.31
CA GLU D 47 21.88 22.38 -26.27
C GLU D 47 20.70 21.59 -25.72
N ASP D 48 20.96 20.43 -25.11
CA ASP D 48 19.87 19.59 -24.63
C ASP D 48 19.35 20.05 -23.27
N ALA D 49 20.20 20.62 -22.43
CA ALA D 49 19.77 21.09 -21.11
C ALA D 49 19.13 22.48 -21.16
N ALA D 50 19.21 23.18 -22.30
CA ALA D 50 18.71 24.55 -22.38
C ALA D 50 17.31 24.68 -21.80
N LEU D 51 16.37 23.86 -22.27
CA LEU D 51 15.02 23.88 -21.73
C LEU D 51 15.02 23.72 -20.22
N PHE D 52 15.69 22.67 -19.72
CA PHE D 52 15.77 22.45 -18.27
C PHE D 52 16.47 23.62 -17.58
N LYS D 53 17.37 24.30 -18.28
CA LYS D 53 17.97 25.51 -17.70
C LYS D 53 16.94 26.63 -17.60
N ALA D 54 16.13 26.83 -18.65
CA ALA D 54 15.13 27.91 -18.62
C ALA D 54 14.19 27.77 -17.43
N TRP D 55 13.69 26.56 -17.17
CA TRP D 55 12.80 26.35 -16.03
C TRP D 55 13.49 26.69 -14.72
N ALA D 56 14.81 26.49 -14.64
CA ALA D 56 15.54 26.89 -13.44
C ALA D 56 15.72 28.41 -13.38
N LEU D 57 15.79 29.06 -14.54
CA LEU D 57 15.90 30.52 -14.58
C LEU D 57 14.54 31.19 -14.38
N PHE D 58 13.47 30.56 -14.86
CA PHE D 58 12.15 31.15 -14.73
C PHE D 58 11.65 31.10 -13.28
N LYS D 59 12.05 30.09 -12.53
CA LYS D 59 11.62 29.94 -11.14
C LYS D 59 12.67 30.39 -10.14
N GLY D 60 13.75 31.01 -10.61
CA GLY D 60 14.78 31.48 -9.71
C GLY D 60 15.66 30.40 -9.11
N LYS D 61 15.49 29.14 -9.51
CA LYS D 61 16.31 28.06 -9.01
C LYS D 61 17.77 28.16 -9.45
N PHE D 62 18.07 29.02 -10.41
CA PHE D 62 19.44 29.15 -10.90
C PHE D 62 19.70 30.60 -11.27
N ARG D 63 20.66 31.24 -10.62
CA ARG D 63 21.10 32.58 -10.95
C ARG D 63 22.47 32.47 -11.62
N GLU D 64 22.58 33.03 -12.82
CA GLU D 64 23.83 32.97 -13.56
C GLU D 64 24.94 33.67 -12.78
N GLY D 65 26.08 32.99 -12.65
CA GLY D 65 27.21 33.51 -11.90
C GLY D 65 27.15 33.25 -10.41
N ILE D 66 25.97 33.07 -9.84
CA ILE D 66 25.82 32.87 -8.41
C ILE D 66 25.39 31.46 -8.07
N ASP D 67 25.25 30.59 -9.06
CA ASP D 67 24.84 29.20 -8.84
C ASP D 67 25.57 28.31 -9.82
N LYS D 68 26.29 27.31 -9.31
CA LYS D 68 27.04 26.41 -10.17
C LYS D 68 26.08 25.61 -11.05
N PRO D 69 26.38 25.48 -12.35
CA PRO D 69 25.47 24.74 -13.24
C PRO D 69 25.30 23.29 -12.79
N ASP D 70 24.12 22.75 -13.07
CA ASP D 70 23.78 21.41 -12.63
C ASP D 70 22.62 20.88 -13.48
N PRO D 71 22.90 20.44 -14.71
CA PRO D 71 21.82 19.93 -15.59
C PRO D 71 21.06 18.76 -14.99
N PRO D 72 21.72 17.83 -14.23
CA PRO D 72 20.96 16.78 -13.55
C PRO D 72 19.75 17.27 -12.77
N THR D 73 19.94 18.18 -11.82
CA THR D 73 18.82 18.63 -11.01
C THR D 73 17.87 19.51 -11.81
N TRP D 74 18.36 20.20 -12.84
CA TRP D 74 17.46 20.95 -13.71
C TRP D 74 16.43 20.01 -14.34
N LYS D 75 16.91 18.99 -15.06
CA LYS D 75 16.02 18.00 -15.64
C LYS D 75 15.20 17.27 -14.57
N ARG D 76 15.78 17.01 -13.39
CA ARG D 76 15.05 16.38 -12.30
C ARG D 76 13.83 17.20 -11.91
N ARG D 77 14.04 18.49 -11.63
CA ARG D 77 12.94 19.37 -11.26
C ARG D 77 11.88 19.41 -12.35
N LEU D 78 12.30 19.64 -13.60
CA LEU D 78 11.31 19.77 -14.66
C LEU D 78 10.54 18.47 -14.87
N ARG D 79 11.22 17.33 -14.79
CA ARG D 79 10.55 16.04 -15.00
C ARG D 79 9.60 15.71 -13.87
N CYS D 80 10.00 15.98 -12.62
CA CYS D 80 9.11 15.71 -11.50
C CYS D 80 7.86 16.58 -11.60
N ALA D 81 8.04 17.88 -11.86
CA ALA D 81 6.89 18.77 -12.01
C ALA D 81 6.04 18.40 -13.22
N LEU D 82 6.64 17.84 -14.27
CA LEU D 82 5.87 17.46 -15.46
C LEU D 82 5.04 16.21 -15.20
N ASN D 83 5.64 15.20 -14.56
CA ASN D 83 4.91 13.98 -14.28
C ASN D 83 3.81 14.21 -13.24
N LYS D 84 4.11 15.02 -12.22
CA LYS D 84 3.11 15.24 -11.18
C LYS D 84 2.02 16.23 -11.58
N SER D 85 2.19 16.94 -12.69
CA SER D 85 1.20 17.91 -13.11
C SER D 85 -0.03 17.21 -13.69
N ASN D 86 -1.21 17.67 -13.30
CA ASN D 86 -2.46 17.14 -13.82
C ASN D 86 -2.87 17.78 -15.13
N ASP D 87 -1.97 18.51 -15.79
CA ASP D 87 -2.23 19.11 -17.09
C ASP D 87 -1.50 18.41 -18.22
N PHE D 88 -0.65 17.44 -17.91
CA PHE D 88 0.12 16.71 -18.91
C PHE D 88 0.04 15.22 -18.62
N GLU D 89 -0.25 14.42 -19.65
CA GLU D 89 -0.24 12.97 -19.56
C GLU D 89 0.74 12.44 -20.59
N GLU D 90 1.72 11.68 -20.12
CA GLU D 90 2.75 11.13 -21.01
C GLU D 90 2.23 9.87 -21.68
N LEU D 91 2.11 9.91 -23.00
CA LEU D 91 1.74 8.73 -23.77
C LEU D 91 2.93 7.79 -23.83
N VAL D 92 2.95 6.79 -22.94
CA VAL D 92 4.11 5.93 -22.80
C VAL D 92 4.35 5.11 -24.06
N GLU D 93 3.27 4.69 -24.73
CA GLU D 93 3.42 3.85 -25.91
C GLU D 93 3.93 4.65 -27.11
N ARG D 94 3.66 5.95 -27.14
CA ARG D 94 4.04 6.78 -28.27
C ARG D 94 5.40 7.45 -28.10
N SER D 95 5.93 7.48 -26.88
CA SER D 95 7.28 7.98 -26.67
C SER D 95 8.30 7.08 -27.37
N GLN D 96 9.40 7.68 -27.81
CA GLN D 96 10.46 6.98 -28.54
C GLN D 96 11.77 7.19 -27.78
N LEU D 97 12.20 6.15 -27.06
CA LEU D 97 13.37 6.22 -26.20
C LEU D 97 14.64 5.67 -26.86
N ASP D 98 14.56 4.49 -27.47
CA ASP D 98 15.75 3.83 -28.00
C ASP D 98 15.98 4.22 -29.46
N ILE D 99 16.19 5.52 -29.67
CA ILE D 99 16.40 6.11 -30.99
C ILE D 99 17.57 7.10 -30.92
N SER D 100 17.85 7.72 -32.06
CA SER D 100 18.83 8.80 -32.12
C SER D 100 18.15 10.12 -31.75
N ASP D 101 18.71 10.81 -30.74
CA ASP D 101 18.11 12.00 -30.16
C ASP D 101 16.69 11.68 -29.71
N PRO D 102 16.53 11.03 -28.57
CA PRO D 102 15.20 10.54 -28.18
C PRO D 102 14.23 11.67 -27.88
N TYR D 103 12.95 11.30 -27.84
CA TYR D 103 11.89 12.25 -27.52
C TYR D 103 10.79 11.53 -26.76
N LYS D 104 10.03 12.30 -25.99
CA LYS D 104 8.90 11.82 -25.23
C LYS D 104 7.65 12.55 -25.67
N VAL D 105 6.52 11.83 -25.70
CA VAL D 105 5.27 12.35 -26.21
C VAL D 105 4.34 12.65 -25.04
N TYR D 106 3.78 13.86 -25.02
CA TYR D 106 2.85 14.29 -23.99
C TYR D 106 1.58 14.81 -24.63
N ARG D 107 0.49 14.75 -23.86
CA ARG D 107 -0.79 15.33 -24.25
C ARG D 107 -1.27 16.24 -23.13
N ILE D 108 -1.67 17.45 -23.49
CA ILE D 108 -2.22 18.41 -22.52
C ILE D 108 -3.71 18.18 -22.41
N VAL D 109 -4.17 17.83 -21.22
CA VAL D 109 -5.59 17.58 -20.98
C VAL D 109 -6.31 18.90 -20.74
N PRO D 110 -7.31 19.24 -21.54
CA PRO D 110 -8.04 20.50 -21.32
C PRO D 110 -9.09 20.36 -20.24
N GLU D 111 -9.27 21.42 -19.47
CA GLU D 111 -10.24 21.44 -18.38
C GLU D 111 -10.60 22.87 -17.99
N GLY G 3 -19.71 5.50 -0.94
CA GLY G 3 -19.30 4.76 -2.11
C GLY G 3 -17.84 5.00 -2.48
N LYS G 4 -16.99 5.13 -1.47
CA LYS G 4 -15.57 5.35 -1.70
C LYS G 4 -14.86 4.14 -2.29
N LEU G 5 -15.49 2.97 -2.29
CA LEU G 5 -14.83 1.76 -2.77
C LEU G 5 -14.75 1.73 -4.30
N ARG G 6 -15.87 2.03 -4.97
CA ARG G 6 -15.92 1.96 -6.43
C ARG G 6 -14.83 2.82 -7.06
N GLN G 7 -14.85 4.13 -6.75
CA GLN G 7 -13.90 5.03 -7.38
C GLN G 7 -12.46 4.71 -6.98
N TRP G 8 -12.25 4.29 -5.73
CA TRP G 8 -10.91 3.93 -5.30
C TRP G 8 -10.37 2.76 -6.09
N LEU G 9 -11.19 1.72 -6.26
CA LEU G 9 -10.75 0.54 -7.01
C LEU G 9 -10.53 0.89 -8.47
N ILE G 10 -11.41 1.69 -9.07
CA ILE G 10 -11.25 2.04 -10.48
C ILE G 10 -9.98 2.86 -10.67
N ASP G 11 -9.70 3.79 -9.77
CA ASP G 11 -8.48 4.57 -9.87
C ASP G 11 -7.25 3.71 -9.68
N GLN G 12 -7.34 2.70 -8.80
CA GLN G 12 -6.19 1.82 -8.56
C GLN G 12 -5.91 0.92 -9.76
N ILE G 13 -6.95 0.47 -10.46
CA ILE G 13 -6.74 -0.32 -11.66
C ILE G 13 -6.26 0.55 -12.81
N ASP G 14 -6.78 1.77 -12.92
CA ASP G 14 -6.39 2.65 -14.01
C ASP G 14 -4.98 3.21 -13.81
N SER G 15 -4.54 3.34 -12.56
CA SER G 15 -3.19 3.83 -12.31
C SER G 15 -2.13 2.82 -12.75
N GLY G 16 -2.48 1.53 -12.72
CA GLY G 16 -1.52 0.50 -13.08
C GLY G 16 -0.34 0.40 -12.15
N LYS G 17 -0.40 1.04 -10.98
CA LYS G 17 0.73 1.03 -10.05
C LYS G 17 0.87 -0.30 -9.31
N TYR G 18 -0.06 -1.23 -9.50
CA TYR G 18 -0.02 -2.54 -8.86
C TYR G 18 0.17 -3.62 -9.92
N PRO G 19 1.21 -4.45 -9.83
CA PRO G 19 1.42 -5.48 -10.85
C PRO G 19 0.29 -6.51 -10.90
N GLY G 20 -0.51 -6.45 -11.96
CA GLY G 20 -1.60 -7.39 -12.16
C GLY G 20 -2.98 -6.74 -12.19
N LEU G 21 -3.12 -5.53 -11.66
CA LEU G 21 -4.40 -4.84 -11.61
C LEU G 21 -4.66 -4.21 -12.98
N VAL G 22 -5.21 -5.01 -13.89
CA VAL G 22 -5.48 -4.60 -15.26
C VAL G 22 -6.92 -4.94 -15.60
N TRP G 23 -7.40 -4.36 -16.70
CA TRP G 23 -8.72 -4.64 -17.24
C TRP G 23 -8.62 -5.71 -18.33
N GLU G 24 -9.72 -6.43 -18.54
CA GLU G 24 -9.80 -7.39 -19.63
C GLU G 24 -10.26 -6.71 -20.92
N ASN G 25 -11.48 -6.19 -20.92
CA ASN G 25 -12.01 -5.45 -22.06
C ASN G 25 -11.68 -3.97 -21.92
N GLU G 26 -11.72 -3.26 -23.06
CA GLU G 26 -11.35 -1.85 -23.08
C GLU G 26 -12.41 -0.96 -22.45
N GLU G 27 -13.66 -1.41 -22.38
CA GLU G 27 -14.73 -0.62 -21.79
C GLU G 27 -14.71 -0.61 -20.26
N LYS G 28 -13.68 -1.19 -19.64
CA LYS G 28 -13.49 -1.16 -18.19
C LYS G 28 -14.70 -1.72 -17.45
N SER G 29 -15.28 -2.80 -17.97
CA SER G 29 -16.37 -3.50 -17.32
C SER G 29 -15.91 -4.66 -16.45
N ILE G 30 -14.94 -5.45 -16.92
CA ILE G 30 -14.42 -6.59 -16.19
C ILE G 30 -12.93 -6.35 -15.96
N PHE G 31 -12.41 -6.90 -14.87
CA PHE G 31 -10.99 -6.74 -14.58
C PHE G 31 -10.48 -7.91 -13.76
N ARG G 32 -9.15 -8.04 -13.74
CA ARG G 32 -8.46 -9.03 -12.93
C ARG G 32 -7.85 -8.37 -11.70
N ILE G 33 -7.68 -9.16 -10.65
CA ILE G 33 -7.06 -8.69 -9.41
C ILE G 33 -6.20 -9.81 -8.85
N PRO G 34 -4.91 -9.55 -8.58
CA PRO G 34 -4.01 -10.62 -8.12
C PRO G 34 -4.48 -11.21 -6.80
N TRP G 35 -4.80 -12.50 -6.82
CA TRP G 35 -5.33 -13.21 -5.66
C TRP G 35 -4.39 -14.37 -5.33
N LYS G 36 -3.22 -14.04 -4.79
CA LYS G 36 -2.22 -15.04 -4.44
C LYS G 36 -2.38 -15.48 -2.99
N HIS G 37 -2.27 -16.78 -2.76
CA HIS G 37 -2.31 -17.31 -1.40
C HIS G 37 -1.06 -16.89 -0.64
N ALA G 38 -1.21 -16.68 0.67
CA ALA G 38 -0.09 -16.23 1.48
C ALA G 38 0.82 -17.38 1.90
N GLY G 39 0.28 -18.59 2.03
CA GLY G 39 1.07 -19.73 2.44
C GLY G 39 1.92 -20.37 1.36
N LYS G 40 2.04 -19.74 0.20
CA LYS G 40 2.80 -20.30 -0.90
C LYS G 40 4.27 -19.89 -0.82
N GLN G 41 5.10 -20.62 -1.55
CA GLN G 41 6.53 -20.31 -1.58
C GLN G 41 6.81 -19.02 -2.35
N ASP G 42 6.16 -18.85 -3.51
CA ASP G 42 6.38 -17.68 -4.35
C ASP G 42 5.75 -16.41 -3.77
N TYR G 43 4.96 -16.53 -2.70
CA TYR G 43 4.25 -15.39 -2.12
C TYR G 43 5.22 -14.30 -1.68
N ASN G 44 5.27 -13.20 -2.43
CA ASN G 44 6.11 -12.06 -2.10
C ASN G 44 5.26 -11.02 -1.38
N ARG G 45 5.62 -10.73 -0.13
CA ARG G 45 4.79 -9.85 0.70
C ARG G 45 4.76 -8.42 0.16
N GLU G 46 5.89 -7.93 -0.34
CA GLU G 46 5.96 -6.53 -0.74
C GLU G 46 5.15 -6.26 -2.00
N GLU G 47 5.17 -7.20 -2.96
CA GLU G 47 4.54 -6.95 -4.25
C GLU G 47 3.11 -7.49 -4.32
N ASP G 48 2.86 -8.66 -3.76
CA ASP G 48 1.54 -9.26 -3.86
C ASP G 48 0.53 -8.53 -2.99
N ALA G 49 0.72 -8.56 -1.67
CA ALA G 49 -0.25 -7.96 -0.75
C ALA G 49 -0.02 -6.45 -0.63
N ALA G 50 -0.03 -5.75 -1.76
CA ALA G 50 0.14 -4.30 -1.77
C ALA G 50 -1.18 -3.55 -1.87
N LEU G 51 -2.11 -4.05 -2.69
CA LEU G 51 -3.40 -3.37 -2.85
C LEU G 51 -4.26 -3.49 -1.60
N PHE G 52 -4.16 -4.62 -0.91
CA PHE G 52 -4.90 -4.77 0.35
C PHE G 52 -4.35 -3.83 1.41
N LYS G 53 -3.03 -3.70 1.50
CA LYS G 53 -2.43 -2.70 2.37
C LYS G 53 -2.82 -1.29 1.94
N ALA G 54 -2.97 -1.06 0.64
CA ALA G 54 -3.43 0.24 0.16
C ALA G 54 -4.85 0.54 0.65
N TRP G 55 -5.73 -0.47 0.62
CA TRP G 55 -7.07 -0.26 1.16
C TRP G 55 -7.04 -0.06 2.66
N ALA G 56 -6.13 -0.74 3.36
CA ALA G 56 -6.00 -0.54 4.80
C ALA G 56 -5.56 0.88 5.12
N LEU G 57 -4.62 1.42 4.32
CA LEU G 57 -4.13 2.77 4.55
C LEU G 57 -5.11 3.84 4.10
N PHE G 58 -5.92 3.54 3.09
CA PHE G 58 -6.86 4.54 2.56
C PHE G 58 -8.00 4.79 3.55
N LYS G 59 -8.53 3.73 4.14
CA LYS G 59 -9.63 3.84 5.10
C LYS G 59 -9.15 4.14 6.51
N GLY G 60 -7.86 4.45 6.68
CA GLY G 60 -7.33 4.74 8.00
C GLY G 60 -7.26 3.55 8.93
N LYS G 61 -7.28 2.32 8.38
CA LYS G 61 -7.20 1.14 9.22
C LYS G 61 -5.78 0.92 9.72
N PHE G 62 -4.82 0.78 8.81
CA PHE G 62 -3.42 0.57 9.17
C PHE G 62 -2.75 1.92 9.30
N ARG G 63 -2.86 2.52 10.49
CA ARG G 63 -2.09 3.71 10.81
C ARG G 63 -0.65 3.28 11.02
N GLU G 64 0.16 3.39 9.97
CA GLU G 64 1.48 2.79 9.96
C GLU G 64 2.37 3.37 11.05
N GLY G 65 3.20 2.51 11.64
CA GLY G 65 4.12 2.88 12.70
C GLY G 65 3.84 2.20 14.03
N ILE G 66 2.58 1.89 14.31
CA ILE G 66 2.20 1.30 15.58
C ILE G 66 1.43 -0.01 15.43
N ASP G 67 0.81 -0.29 14.30
CA ASP G 67 -0.05 -1.46 14.16
C ASP G 67 0.71 -2.66 13.62
N LYS G 68 0.30 -3.84 14.07
CA LYS G 68 0.92 -5.08 13.63
C LYS G 68 0.51 -5.39 12.20
N PRO G 69 1.44 -5.44 11.25
CA PRO G 69 1.07 -5.74 9.86
C PRO G 69 0.51 -7.14 9.68
N ASP G 70 -0.78 -7.23 9.35
CA ASP G 70 -1.46 -8.51 9.17
C ASP G 70 -2.04 -8.54 7.76
N PRO G 71 -1.27 -8.98 6.77
CA PRO G 71 -1.76 -9.01 5.38
C PRO G 71 -3.00 -9.87 5.21
N PRO G 72 -3.12 -11.02 5.93
CA PRO G 72 -4.42 -11.72 5.91
C PRO G 72 -5.59 -10.84 6.28
N THR G 73 -5.44 -9.97 7.27
CA THR G 73 -6.54 -9.09 7.68
C THR G 73 -6.93 -8.13 6.57
N TRP G 74 -5.94 -7.52 5.92
CA TRP G 74 -6.24 -6.60 4.83
C TRP G 74 -6.89 -7.31 3.66
N LYS G 75 -6.38 -8.50 3.32
CA LYS G 75 -7.00 -9.31 2.26
C LYS G 75 -8.46 -9.61 2.60
N ARG G 76 -8.72 -10.06 3.83
CA ARG G 76 -10.09 -10.36 4.24
C ARG G 76 -10.96 -9.12 4.19
N ARG G 77 -10.42 -7.97 4.58
CA ARG G 77 -11.19 -6.73 4.55
C ARG G 77 -11.60 -6.38 3.13
N LEU G 78 -10.65 -6.40 2.20
CA LEU G 78 -10.98 -6.07 0.81
C LEU G 78 -11.96 -7.08 0.23
N ARG G 79 -11.78 -8.37 0.55
CA ARG G 79 -12.66 -9.39 0.00
C ARG G 79 -14.09 -9.24 0.55
N CYS G 80 -14.22 -8.96 1.85
CA CYS G 80 -15.54 -8.74 2.42
C CYS G 80 -16.19 -7.48 1.85
N ALA G 81 -15.40 -6.43 1.63
CA ALA G 81 -15.95 -5.22 1.04
C ALA G 81 -16.46 -5.48 -0.37
N LEU G 82 -15.72 -6.30 -1.15
CA LEU G 82 -16.18 -6.61 -2.50
C LEU G 82 -17.41 -7.50 -2.49
N ASN G 83 -17.45 -8.50 -1.60
CA ASN G 83 -18.59 -9.41 -1.58
C ASN G 83 -19.85 -8.72 -1.08
N LYS G 84 -19.74 -7.94 -0.01
CA LYS G 84 -20.92 -7.28 0.57
C LYS G 84 -21.44 -6.15 -0.31
N SER G 85 -20.60 -5.59 -1.17
CA SER G 85 -21.00 -4.48 -2.03
C SER G 85 -21.90 -4.96 -3.17
N ASN G 86 -22.77 -4.08 -3.62
CA ASN G 86 -23.65 -4.35 -4.76
C ASN G 86 -23.05 -3.88 -6.08
N ASP G 87 -21.79 -3.43 -6.08
CA ASP G 87 -21.15 -2.90 -7.27
C ASP G 87 -20.24 -3.90 -7.97
N PHE G 88 -19.52 -4.72 -7.20
CA PHE G 88 -18.56 -5.68 -7.75
C PHE G 88 -19.08 -7.09 -7.50
N GLU G 89 -19.18 -7.87 -8.56
CA GLU G 89 -19.52 -9.29 -8.46
C GLU G 89 -18.46 -10.12 -9.16
N GLU G 90 -18.02 -11.20 -8.52
CA GLU G 90 -16.91 -11.98 -9.02
C GLU G 90 -17.38 -12.97 -10.08
N LEU G 91 -16.61 -13.06 -11.16
CA LEU G 91 -16.81 -14.09 -12.19
C LEU G 91 -15.97 -15.29 -11.76
N VAL G 92 -16.63 -16.29 -11.16
CA VAL G 92 -15.91 -17.34 -10.44
C VAL G 92 -15.18 -18.26 -11.42
N GLU G 93 -15.90 -18.86 -12.37
CA GLU G 93 -15.25 -19.78 -13.30
C GLU G 93 -14.41 -19.06 -14.34
N ARG G 94 -14.57 -17.74 -14.49
CA ARG G 94 -13.70 -16.96 -15.35
C ARG G 94 -12.37 -16.64 -14.69
N SER G 95 -12.28 -16.78 -13.37
CA SER G 95 -11.05 -16.49 -12.64
C SER G 95 -10.17 -17.72 -12.58
N GLN G 96 -8.86 -17.51 -12.67
CA GLN G 96 -7.87 -18.57 -12.66
C GLN G 96 -7.17 -18.58 -11.32
N LEU G 97 -7.45 -19.59 -10.50
CA LEU G 97 -6.87 -19.69 -9.16
C LEU G 97 -5.86 -20.82 -9.05
N ASP G 98 -5.56 -21.53 -10.14
CA ASP G 98 -4.61 -22.63 -10.14
C ASP G 98 -3.48 -22.37 -11.13
N ILE G 99 -3.04 -21.12 -11.21
CA ILE G 99 -1.96 -20.72 -12.10
C ILE G 99 -0.79 -20.27 -11.24
N SER G 100 0.41 -20.26 -11.84
CA SER G 100 1.59 -19.81 -11.13
C SER G 100 1.41 -18.41 -10.55
N ASP G 101 0.62 -17.56 -11.21
CA ASP G 101 0.27 -16.24 -10.71
C ASP G 101 -1.25 -16.11 -10.78
N PRO G 102 -1.96 -16.64 -9.78
CA PRO G 102 -3.42 -16.67 -9.85
C PRO G 102 -4.02 -15.28 -9.61
N TYR G 103 -5.30 -15.18 -9.90
CA TYR G 103 -6.03 -13.93 -9.73
C TYR G 103 -7.52 -14.24 -9.66
N LYS G 104 -8.31 -13.19 -9.40
CA LYS G 104 -9.76 -13.27 -9.45
C LYS G 104 -10.27 -12.29 -10.49
N VAL G 105 -11.44 -12.59 -11.04
CA VAL G 105 -12.05 -11.80 -12.11
C VAL G 105 -13.32 -11.16 -11.55
N TYR G 106 -13.35 -9.84 -11.51
CA TYR G 106 -14.47 -9.09 -10.97
C TYR G 106 -15.12 -8.25 -12.06
N ARG G 107 -16.44 -8.09 -11.96
CA ARG G 107 -17.22 -7.31 -12.91
C ARG G 107 -18.01 -6.24 -12.16
N ILE G 108 -18.20 -5.11 -12.84
CA ILE G 108 -18.88 -3.94 -12.29
C ILE G 108 -20.32 -3.96 -12.76
N VAL G 109 -21.24 -3.73 -11.83
CA VAL G 109 -22.67 -3.74 -12.11
C VAL G 109 -23.17 -2.28 -12.14
N PRO G 110 -23.97 -1.88 -13.13
CA PRO G 110 -24.57 -0.54 -13.21
C PRO G 110 -25.41 -0.19 -11.98
N GLY H 3 -39.34 11.23 25.35
CA GLY H 3 -38.08 10.74 25.87
C GLY H 3 -38.22 9.86 27.09
N LYS H 4 -38.65 8.61 26.87
CA LYS H 4 -38.87 7.66 27.96
C LYS H 4 -37.68 6.75 28.22
N LEU H 5 -36.62 6.85 27.41
CA LEU H 5 -35.49 5.94 27.55
C LEU H 5 -34.76 6.17 28.87
N ARG H 6 -34.64 7.42 29.30
CA ARG H 6 -33.86 7.76 30.49
C ARG H 6 -34.44 7.08 31.73
N GLN H 7 -35.68 7.41 32.08
CA GLN H 7 -36.30 6.86 33.29
C GLN H 7 -36.42 5.35 33.21
N TRP H 8 -36.78 4.82 32.03
CA TRP H 8 -36.95 3.38 31.88
C TRP H 8 -35.64 2.64 32.13
N LEU H 9 -34.55 3.13 31.53
CA LEU H 9 -33.24 2.51 31.75
C LEU H 9 -32.83 2.63 33.21
N ILE H 10 -33.12 3.77 33.85
CA ILE H 10 -32.79 3.92 35.26
C ILE H 10 -33.52 2.88 36.09
N ASP H 11 -34.80 2.64 35.79
CA ASP H 11 -35.54 1.59 36.49
C ASP H 11 -34.93 0.22 36.23
N GLN H 12 -34.52 -0.05 34.99
CA GLN H 12 -33.92 -1.35 34.68
C GLN H 12 -32.64 -1.57 35.46
N ILE H 13 -31.84 -0.52 35.66
CA ILE H 13 -30.62 -0.69 36.44
C ILE H 13 -30.93 -0.81 37.93
N ASP H 14 -31.91 -0.05 38.43
CA ASP H 14 -32.22 -0.13 39.85
C ASP H 14 -32.81 -1.48 40.24
N SER H 15 -33.64 -2.06 39.38
CA SER H 15 -34.23 -3.36 39.64
C SER H 15 -33.27 -4.46 39.20
N GLY H 16 -32.96 -5.37 40.12
CA GLY H 16 -32.05 -6.46 39.83
C GLY H 16 -32.66 -7.55 38.97
N LYS H 17 -33.08 -7.19 37.76
CA LYS H 17 -33.72 -8.13 36.85
C LYS H 17 -32.77 -8.65 35.78
N TYR H 18 -31.72 -7.91 35.45
CA TYR H 18 -30.75 -8.32 34.44
C TYR H 18 -29.36 -8.25 35.05
N PRO H 19 -28.61 -9.35 35.08
CA PRO H 19 -27.25 -9.31 35.62
C PRO H 19 -26.35 -8.42 34.78
N GLY H 20 -25.24 -7.98 35.39
CA GLY H 20 -24.26 -7.19 34.69
C GLY H 20 -24.63 -5.71 34.64
N LEU H 21 -25.91 -5.44 34.79
CA LEU H 21 -26.44 -4.07 34.77
C LEU H 21 -26.44 -3.53 36.20
N VAL H 22 -25.22 -3.24 36.66
CA VAL H 22 -25.01 -2.81 38.04
C VAL H 22 -24.58 -1.34 38.08
N TRP H 23 -24.38 -0.81 39.27
CA TRP H 23 -23.94 0.56 39.47
C TRP H 23 -22.44 0.58 39.79
N GLU H 24 -21.76 1.61 39.30
CA GLU H 24 -20.33 1.78 39.58
C GLU H 24 -20.06 2.82 40.65
N ASN H 25 -21.03 3.66 40.99
CA ASN H 25 -20.90 4.63 42.06
C ASN H 25 -22.22 4.69 42.83
N GLU H 26 -22.14 5.21 44.06
CA GLU H 26 -23.34 5.32 44.88
C GLU H 26 -24.27 6.43 44.41
N GLU H 27 -23.82 7.30 43.51
CA GLU H 27 -24.65 8.38 42.98
C GLU H 27 -25.60 7.90 41.89
N LYS H 28 -25.50 6.63 41.47
CA LYS H 28 -26.33 6.08 40.39
C LYS H 28 -26.16 6.88 39.10
N SER H 29 -24.93 7.29 38.81
CA SER H 29 -24.63 8.09 37.63
C SER H 29 -23.77 7.38 36.59
N ILE H 30 -23.02 6.35 36.97
CA ILE H 30 -22.20 5.57 36.06
C ILE H 30 -22.60 4.11 36.19
N PHE H 31 -22.69 3.40 35.06
CA PHE H 31 -23.11 2.00 35.11
C PHE H 31 -22.47 1.21 33.98
N ARG H 32 -22.58 -0.11 34.09
CA ARG H 32 -22.18 -1.03 33.05
C ARG H 32 -23.42 -1.70 32.47
N ILE H 33 -23.26 -2.24 31.27
CA ILE H 33 -24.35 -2.94 30.58
C ILE H 33 -23.75 -4.10 29.78
N PRO H 34 -24.25 -5.32 29.94
CA PRO H 34 -23.68 -6.47 29.24
C PRO H 34 -23.75 -6.29 27.72
N TRP H 35 -22.61 -6.43 27.06
CA TRP H 35 -22.48 -6.26 25.61
C TRP H 35 -21.71 -7.47 25.06
N LYS H 36 -22.41 -8.58 24.90
CA LYS H 36 -21.79 -9.83 24.46
C LYS H 36 -22.21 -10.14 23.02
N HIS H 37 -21.24 -10.57 22.21
CA HIS H 37 -21.51 -10.90 20.82
C HIS H 37 -22.35 -12.16 20.73
N ALA H 38 -23.31 -12.16 19.80
CA ALA H 38 -24.23 -13.29 19.67
C ALA H 38 -23.55 -14.51 19.06
N GLY H 39 -22.45 -14.33 18.34
CA GLY H 39 -21.77 -15.46 17.71
C GLY H 39 -20.97 -16.29 18.69
N LYS H 40 -20.43 -15.67 19.74
CA LYS H 40 -19.67 -16.40 20.74
C LYS H 40 -20.54 -17.44 21.44
N GLN H 41 -19.96 -18.62 21.67
CA GLN H 41 -20.76 -19.80 22.03
C GLN H 41 -21.39 -19.70 23.41
N ASP H 42 -20.84 -18.91 24.32
CA ASP H 42 -21.44 -18.71 25.64
C ASP H 42 -22.45 -17.57 25.57
N TYR H 43 -23.57 -17.87 24.91
CA TYR H 43 -24.61 -16.88 24.65
C TYR H 43 -25.97 -17.53 24.93
N ASN H 44 -26.42 -17.43 26.17
CA ASN H 44 -27.79 -17.81 26.53
C ASN H 44 -28.68 -16.64 26.12
N ARG H 45 -29.08 -16.68 24.83
CA ARG H 45 -29.85 -15.59 24.24
C ARG H 45 -31.01 -15.15 25.13
N GLU H 46 -31.72 -16.11 25.71
CA GLU H 46 -32.84 -15.77 26.60
C GLU H 46 -32.38 -14.96 27.81
N GLU H 47 -31.11 -15.11 28.18
CA GLU H 47 -30.57 -14.41 29.35
C GLU H 47 -29.87 -13.11 28.97
N ASP H 48 -29.01 -13.15 27.95
CA ASP H 48 -28.24 -11.96 27.58
C ASP H 48 -29.03 -11.00 26.70
N ALA H 49 -30.11 -11.45 26.07
CA ALA H 49 -30.94 -10.56 25.26
C ALA H 49 -32.24 -10.19 25.95
N ALA H 50 -32.32 -10.38 27.27
CA ALA H 50 -33.49 -9.95 28.02
C ALA H 50 -33.67 -8.44 27.94
N LEU H 51 -32.64 -7.69 28.33
CA LEU H 51 -32.72 -6.22 28.30
C LEU H 51 -33.16 -5.72 26.93
N PHE H 52 -32.43 -6.11 25.87
CA PHE H 52 -32.79 -5.71 24.52
C PHE H 52 -34.21 -6.14 24.16
N LYS H 53 -34.69 -7.24 24.74
CA LYS H 53 -36.08 -7.62 24.52
C LYS H 53 -37.03 -6.67 25.26
N ALA H 54 -36.75 -6.37 26.52
CA ALA H 54 -37.61 -5.47 27.30
C ALA H 54 -37.87 -4.17 26.56
N TRP H 55 -36.81 -3.51 26.07
CA TRP H 55 -36.99 -2.29 25.29
C TRP H 55 -37.91 -2.52 24.11
N ALA H 56 -37.66 -3.59 23.34
CA ALA H 56 -38.52 -3.95 22.22
C ALA H 56 -39.96 -4.21 22.65
N LEU H 57 -40.16 -4.61 23.91
CA LEU H 57 -41.50 -4.76 24.46
C LEU H 57 -42.07 -3.45 25.00
N PHE H 58 -41.21 -2.56 25.48
CA PHE H 58 -41.69 -1.32 26.09
C PHE H 58 -42.19 -0.34 25.03
N LYS H 59 -41.39 -0.10 23.99
CA LYS H 59 -41.76 0.82 22.93
C LYS H 59 -42.72 0.22 21.93
N GLY H 60 -43.21 -0.99 22.18
CA GLY H 60 -44.15 -1.63 21.27
C GLY H 60 -43.54 -2.13 19.99
N LYS H 61 -42.21 -2.14 19.86
CA LYS H 61 -41.58 -2.63 18.65
C LYS H 61 -41.68 -4.14 18.51
N PHE H 62 -41.91 -4.86 19.60
CA PHE H 62 -42.04 -6.31 19.59
C PHE H 62 -43.26 -6.72 20.41
N ARG H 63 -43.96 -7.74 19.94
CA ARG H 63 -45.09 -8.31 20.65
C ARG H 63 -44.90 -9.83 20.73
N GLU H 64 -45.03 -10.37 21.93
CA GLU H 64 -44.76 -11.79 22.15
C GLU H 64 -45.77 -12.65 21.39
N GLY H 65 -45.28 -13.75 20.83
CA GLY H 65 -46.15 -14.69 20.11
C GLY H 65 -46.55 -14.29 18.70
N ILE H 66 -47.09 -13.08 18.54
CA ILE H 66 -47.56 -12.65 17.22
C ILE H 66 -46.42 -12.23 16.30
N ASP H 67 -45.23 -11.96 16.84
CA ASP H 67 -44.10 -11.48 16.05
C ASP H 67 -42.95 -12.48 16.11
N LYS H 68 -42.01 -12.31 15.18
CA LYS H 68 -40.82 -13.15 15.09
C LYS H 68 -39.70 -12.58 15.93
N PRO H 69 -39.04 -13.38 16.77
CA PRO H 69 -37.91 -12.85 17.55
C PRO H 69 -36.76 -12.45 16.65
N ASP H 70 -36.04 -11.40 17.09
CA ASP H 70 -34.92 -10.89 16.30
C ASP H 70 -33.95 -10.12 17.18
N PRO H 71 -33.05 -10.81 17.88
CA PRO H 71 -32.09 -10.13 18.77
C PRO H 71 -31.21 -9.11 18.06
N PRO H 72 -30.73 -9.39 16.81
CA PRO H 72 -29.89 -8.40 16.12
C PRO H 72 -30.46 -6.98 16.14
N THR H 73 -31.60 -6.79 15.48
CA THR H 73 -32.19 -5.45 15.44
C THR H 73 -32.66 -4.98 16.80
N TRP H 74 -32.89 -5.89 17.75
CA TRP H 74 -33.22 -5.46 19.11
C TRP H 74 -32.06 -4.68 19.72
N LYS H 75 -30.89 -5.32 19.79
CA LYS H 75 -29.71 -4.60 20.30
C LYS H 75 -29.34 -3.44 19.39
N ARG H 76 -29.60 -3.54 18.09
CA ARG H 76 -29.34 -2.43 17.19
C ARG H 76 -30.14 -1.19 17.59
N ARG H 77 -31.46 -1.34 17.72
CA ARG H 77 -32.31 -0.24 18.15
C ARG H 77 -31.85 0.31 19.49
N LEU H 78 -31.60 -0.58 20.46
CA LEU H 78 -31.22 -0.10 21.79
C LEU H 78 -29.93 0.70 21.74
N ARG H 79 -28.90 0.17 21.06
CA ARG H 79 -27.61 0.85 21.04
C ARG H 79 -27.68 2.15 20.25
N CYS H 80 -28.43 2.18 19.16
CA CYS H 80 -28.49 3.40 18.36
C CYS H 80 -29.24 4.49 19.13
N ALA H 81 -30.37 4.13 19.76
CA ALA H 81 -31.09 5.10 20.59
C ALA H 81 -30.29 5.53 21.81
N LEU H 82 -29.39 4.68 22.30
CA LEU H 82 -28.60 5.04 23.47
C LEU H 82 -27.43 5.94 23.10
N ASN H 83 -26.82 5.71 21.93
CA ASN H 83 -25.72 6.56 21.48
C ASN H 83 -26.22 7.92 20.98
N LYS H 84 -27.39 7.95 20.33
CA LYS H 84 -27.87 9.23 19.80
C LYS H 84 -28.49 10.11 20.88
N SER H 85 -29.10 9.51 21.89
CA SER H 85 -29.73 10.30 22.95
C SER H 85 -28.67 11.02 23.78
N ASN H 86 -28.94 12.29 24.08
CA ASN H 86 -28.03 13.09 24.90
C ASN H 86 -28.08 12.73 26.37
N ASP H 87 -29.09 11.98 26.81
CA ASP H 87 -29.23 11.68 28.24
C ASP H 87 -28.09 10.80 28.74
N PHE H 88 -27.49 9.99 27.87
CA PHE H 88 -26.43 9.06 28.24
C PHE H 88 -25.22 9.28 27.36
N GLU H 89 -24.04 9.13 27.95
CA GLU H 89 -22.78 9.31 27.25
C GLU H 89 -21.86 8.13 27.53
N GLU H 90 -21.33 7.53 26.47
CA GLU H 90 -20.45 6.39 26.62
C GLU H 90 -19.03 6.88 26.88
N LEU H 91 -18.44 6.41 27.97
CA LEU H 91 -17.05 6.74 28.30
C LEU H 91 -16.25 5.47 28.02
N VAL H 92 -15.75 5.38 26.79
CA VAL H 92 -15.16 4.15 26.26
C VAL H 92 -13.89 3.76 27.00
N GLU H 93 -13.23 4.72 27.65
CA GLU H 93 -11.99 4.42 28.37
C GLU H 93 -12.15 3.35 29.42
N ARG H 94 -13.37 3.12 29.92
CA ARG H 94 -13.65 2.06 30.88
C ARG H 94 -14.45 0.92 30.30
N SER H 95 -14.88 1.02 29.03
CA SER H 95 -15.64 -0.04 28.39
C SER H 95 -14.74 -1.22 28.09
N GLN H 96 -14.59 -2.14 29.05
CA GLN H 96 -13.78 -3.33 28.85
C GLN H 96 -14.57 -4.31 27.99
N LEU H 97 -14.20 -4.39 26.71
CA LEU H 97 -14.85 -5.29 25.77
C LEU H 97 -13.95 -6.43 25.32
N ASP H 98 -12.65 -6.36 25.58
CA ASP H 98 -11.71 -7.41 25.20
C ASP H 98 -11.55 -8.45 26.31
N ILE H 99 -12.66 -8.83 26.95
CA ILE H 99 -12.65 -9.82 28.03
C ILE H 99 -13.79 -10.81 27.78
N SER H 100 -13.90 -11.79 28.66
CA SER H 100 -15.02 -12.72 28.65
C SER H 100 -16.16 -12.12 29.47
N ASP H 101 -17.39 -12.25 28.93
CA ASP H 101 -18.57 -11.58 29.49
C ASP H 101 -18.29 -10.09 29.62
N PRO H 102 -18.12 -9.36 28.52
CA PRO H 102 -17.73 -7.95 28.60
C PRO H 102 -18.95 -7.07 28.85
N TYR H 103 -18.68 -5.75 28.89
CA TYR H 103 -19.75 -4.79 29.12
C TYR H 103 -19.31 -3.42 28.63
N LYS H 104 -20.31 -2.57 28.38
CA LYS H 104 -20.09 -1.18 28.01
C LYS H 104 -20.40 -0.29 29.20
N VAL H 105 -19.63 0.78 29.36
CA VAL H 105 -19.74 1.69 30.49
C VAL H 105 -20.38 3.00 30.01
N TYR H 106 -21.40 3.46 30.73
CA TYR H 106 -22.13 4.66 30.35
C TYR H 106 -22.34 5.56 31.56
N ARG H 107 -22.55 6.85 31.28
CA ARG H 107 -22.78 7.88 32.27
C ARG H 107 -24.07 8.64 31.96
N ILE H 108 -24.65 9.22 33.00
CA ILE H 108 -25.88 9.99 32.91
C ILE H 108 -25.53 11.47 33.09
N VAL H 109 -26.07 12.32 32.22
CA VAL H 109 -25.88 13.76 32.33
C VAL H 109 -27.07 14.36 33.07
N PRO H 110 -26.85 15.27 34.02
CA PRO H 110 -27.99 15.89 34.73
C PRO H 110 -28.68 16.92 33.85
N GLU H 111 -29.98 16.74 33.65
CA GLU H 111 -30.76 17.65 32.82
C GLU H 111 -32.25 17.54 33.13
#